data_7SUB
#
_entry.id   7SUB
#
_cell.length_a   56.006
_cell.length_b   56.006
_cell.length_c   133.129
_cell.angle_alpha   90.000
_cell.angle_beta   90.000
_cell.angle_gamma   120.000
#
_symmetry.space_group_name_H-M   'P 31 2 1'
#
loop_
_entity.id
_entity.type
_entity.pdbx_description
1 polymer 3-oxoacyl-reductase
2 non-polymer GLYCEROL
3 water water
#
_entity_poly.entity_id   1
_entity_poly.type   'polypeptide(L)'
_entity_poly.pdbx_seq_one_letter_code
;MHHHHHHGSMGKLDGKVAVVTGGGRGVGRAICVAYAEEGADVVVNYAGNHAAANEVVAMIEKMGRRAVAVQGRVEIKAEA
EKTIQTAVDNFGRIDVLVNNAGATKPAMLHKMTEEQWDAVVNIHLKGPFLCVQAAAKYFMEQNYGKIINVTSVAGLVGTT
GQINYSAAKGGILSFTMSAARELARFNVTSNVISLGIVTTDMTEKITTDDKLKEIYMRRILLNRYAEPSEVAPAFVFFGC
DDSKYITGQLLKVDGGYGLTLQPSLIS
;
_entity_poly.pdbx_strand_id   A
#
loop_
_chem_comp.id
_chem_comp.type
_chem_comp.name
_chem_comp.formula
GOL non-polymer GLYCEROL 'C3 H8 O3'
#
# COMPACT_ATOMS: atom_id res chain seq x y z
N GLY A 11 -18.01 9.25 -4.18
CA GLY A 11 -16.72 8.57 -4.16
C GLY A 11 -16.62 7.56 -3.05
N LYS A 12 -15.99 6.40 -3.33
CA LYS A 12 -15.84 5.36 -2.30
C LYS A 12 -15.02 5.84 -1.10
N LEU A 13 -14.20 6.85 -1.28
CA LEU A 13 -13.28 7.28 -0.23
C LEU A 13 -13.54 8.73 0.16
N ASP A 14 -14.73 9.24 -0.16
CA ASP A 14 -15.07 10.59 0.25
C ASP A 14 -14.88 10.72 1.75
N GLY A 15 -14.21 11.78 2.17
CA GLY A 15 -14.03 12.01 3.61
C GLY A 15 -12.93 11.20 4.26
N LYS A 16 -12.26 10.33 3.51
CA LYS A 16 -11.22 9.47 4.07
C LYS A 16 -9.84 10.04 3.79
N VAL A 17 -8.88 9.62 4.63
CA VAL A 17 -7.48 10.06 4.53
C VAL A 17 -6.66 8.80 4.33
N ALA A 18 -5.80 8.80 3.32
CA ALA A 18 -5.01 7.60 3.04
C ALA A 18 -3.54 7.92 3.03
N VAL A 19 -2.73 7.01 3.61
CA VAL A 19 -1.27 7.09 3.54
C VAL A 19 -0.81 5.94 2.64
N VAL A 20 -0.06 6.25 1.60
CA VAL A 20 0.47 5.25 0.70
C VAL A 20 2.00 5.33 0.77
N THR A 21 2.66 4.30 1.32
CA THR A 21 4.13 4.33 1.37
C THR A 21 4.68 3.97 -0.02
N GLY A 22 5.79 4.59 -0.40
CA GLY A 22 6.29 4.40 -1.75
C GLY A 22 5.30 4.90 -2.79
N GLY A 23 4.66 6.04 -2.54
CA GLY A 23 3.55 6.44 -3.40
C GLY A 23 3.92 7.23 -4.63
N GLY A 24 5.21 7.45 -4.89
CA GLY A 24 5.55 8.44 -5.90
C GLY A 24 5.59 7.84 -7.30
N ARG A 25 5.71 6.52 -7.44
CA ARG A 25 5.90 5.95 -8.76
C ARG A 25 5.16 4.64 -8.88
N GLY A 26 4.94 4.21 -10.13
CA GLY A 26 4.51 2.83 -10.31
C GLY A 26 3.13 2.57 -9.72
N VAL A 27 3.00 1.38 -9.11
CA VAL A 27 1.73 0.99 -8.53
C VAL A 27 1.36 1.95 -7.39
N GLY A 28 2.33 2.33 -6.58
CA GLY A 28 2.02 3.29 -5.50
C GLY A 28 1.40 4.56 -6.04
N ARG A 29 1.97 5.11 -7.14
CA ARG A 29 1.41 6.34 -7.71
C ARG A 29 -0.01 6.09 -8.23
N ALA A 30 -0.23 4.93 -8.89
CA ALA A 30 -1.57 4.61 -9.38
C ALA A 30 -2.57 4.51 -8.24
N ILE A 31 -2.15 3.97 -7.11
CA ILE A 31 -3.05 3.90 -5.94
C ILE A 31 -3.40 5.30 -5.45
N CYS A 32 -2.41 6.18 -5.34
CA CYS A 32 -2.67 7.53 -4.87
C CYS A 32 -3.66 8.24 -5.78
N VAL A 33 -3.44 8.13 -7.10
CA VAL A 33 -4.34 8.78 -8.07
C VAL A 33 -5.74 8.16 -7.99
N ALA A 34 -5.82 6.84 -7.95
CA ALA A 34 -7.15 6.20 -7.84
C ALA A 34 -7.85 6.62 -6.56
N TYR A 35 -7.08 6.73 -5.45
CA TYR A 35 -7.71 7.08 -4.20
C TYR A 35 -8.25 8.50 -4.26
N ALA A 36 -7.46 9.44 -4.83
CA ALA A 36 -7.94 10.82 -4.96
C ALA A 36 -9.16 10.89 -5.88
N GLU A 37 -9.14 10.11 -6.95
CA GLU A 37 -10.31 10.02 -7.82
C GLU A 37 -11.56 9.61 -7.04
N GLU A 38 -11.41 8.74 -6.04
CA GLU A 38 -12.51 8.30 -5.20
C GLU A 38 -12.77 9.19 -3.98
N GLY A 39 -12.12 10.33 -3.89
CA GLY A 39 -12.46 11.33 -2.89
C GLY A 39 -11.48 11.43 -1.75
N ALA A 40 -10.45 10.58 -1.71
CA ALA A 40 -9.52 10.59 -0.57
C ALA A 40 -8.63 11.83 -0.54
N ASP A 41 -8.24 12.25 0.70
CA ASP A 41 -7.05 13.04 0.91
C ASP A 41 -5.87 12.08 1.02
N VAL A 42 -4.74 12.42 0.38
CA VAL A 42 -3.68 11.43 0.21
C VAL A 42 -2.34 11.94 0.78
N VAL A 43 -1.68 11.12 1.58
CA VAL A 43 -0.29 11.36 2.00
C VAL A 43 0.60 10.48 1.14
N VAL A 44 1.46 11.10 0.32
CA VAL A 44 2.36 10.40 -0.61
C VAL A 44 3.70 10.27 0.09
N ASN A 45 3.98 9.11 0.68
CA ASN A 45 5.27 8.91 1.33
C ASN A 45 6.30 8.47 0.31
N TYR A 46 7.55 8.91 0.52
CA TYR A 46 8.63 8.50 -0.38
C TYR A 46 9.87 8.34 0.46
N ALA A 47 10.77 7.45 0.02
CA ALA A 47 12.07 7.37 0.70
C ALA A 47 13.09 8.35 0.14
N GLY A 48 13.12 8.50 -1.18
CA GLY A 48 14.15 9.26 -1.87
C GLY A 48 13.61 10.24 -2.87
N ASN A 49 12.69 9.80 -3.73
CA ASN A 49 12.36 10.61 -4.89
C ASN A 49 11.27 11.60 -4.53
N HIS A 50 11.70 12.69 -3.91
CA HIS A 50 10.82 13.80 -3.60
C HIS A 50 10.14 14.34 -4.85
N ALA A 51 10.88 14.47 -5.95
CA ALA A 51 10.31 15.10 -7.12
C ALA A 51 9.17 14.25 -7.68
N ALA A 52 9.30 12.93 -7.62
CA ALA A 52 8.21 12.09 -8.14
C ALA A 52 6.99 12.16 -7.23
N ALA A 53 7.21 12.18 -5.91
CA ALA A 53 6.09 12.34 -4.99
C ALA A 53 5.39 13.68 -5.17
N ASN A 54 6.14 14.74 -5.43
CA ASN A 54 5.51 16.04 -5.69
C ASN A 54 4.71 16.02 -6.96
N GLU A 55 5.14 15.23 -7.95
CA GLU A 55 4.36 15.13 -9.18
C GLU A 55 3.00 14.49 -8.91
N VAL A 56 2.98 13.47 -8.04
CA VAL A 56 1.71 12.87 -7.63
C VAL A 56 0.87 13.90 -6.89
N VAL A 57 1.47 14.61 -5.94
CA VAL A 57 0.70 15.62 -5.23
C VAL A 57 0.10 16.61 -6.23
N ALA A 58 0.87 16.97 -7.27
CA ALA A 58 0.39 17.97 -8.21
C ALA A 58 -0.76 17.44 -9.05
N MET A 59 -0.68 16.18 -9.47
CA MET A 59 -1.78 15.57 -10.20
C MET A 59 -3.05 15.54 -9.34
N ILE A 60 -2.90 15.22 -8.06
CA ILE A 60 -4.06 15.16 -7.19
C ILE A 60 -4.65 16.55 -6.98
N GLU A 61 -3.81 17.56 -6.78
CA GLU A 61 -4.35 18.91 -6.63
C GLU A 61 -5.05 19.38 -7.91
N LYS A 62 -4.51 19.01 -9.08
CA LYS A 62 -5.18 19.39 -10.32
C LYS A 62 -6.57 18.75 -10.44
N MET A 63 -6.79 17.60 -9.80
CA MET A 63 -8.13 17.03 -9.79
C MET A 63 -9.09 17.76 -8.88
N GLY A 64 -8.61 18.71 -8.11
CA GLY A 64 -9.44 19.30 -7.09
C GLY A 64 -9.42 18.59 -5.76
N ARG A 65 -8.45 17.70 -5.52
CA ARG A 65 -8.32 16.97 -4.27
C ARG A 65 -7.07 17.45 -3.55
N ARG A 66 -6.83 16.87 -2.38
CA ARG A 66 -5.78 17.34 -1.51
C ARG A 66 -4.75 16.25 -1.30
N ALA A 67 -3.47 16.63 -1.29
CA ALA A 67 -2.41 15.65 -1.02
C ALA A 67 -1.20 16.38 -0.45
N VAL A 68 -0.36 15.62 0.29
CA VAL A 68 0.92 16.12 0.79
CA VAL A 68 0.93 16.12 0.76
C VAL A 68 1.97 15.03 0.60
N ALA A 69 3.21 15.43 0.37
CA ALA A 69 4.29 14.45 0.28
C ALA A 69 5.03 14.39 1.62
N VAL A 70 5.55 13.21 1.97
CA VAL A 70 6.38 13.15 3.19
C VAL A 70 7.52 12.16 2.99
N GLN A 71 8.73 12.54 3.45
CA GLN A 71 9.90 11.69 3.32
CA GLN A 71 9.91 11.70 3.33
C GLN A 71 10.00 10.78 4.55
N GLY A 72 10.21 9.51 4.31
CA GLY A 72 10.41 8.55 5.37
C GLY A 72 10.73 7.17 4.85
N ARG A 73 11.79 6.56 5.37
CA ARG A 73 12.07 5.13 5.20
C ARG A 73 11.33 4.43 6.32
N VAL A 74 10.27 3.68 6.03
CA VAL A 74 9.40 3.33 7.16
C VAL A 74 9.89 2.09 7.93
N GLU A 75 11.01 1.50 7.52
CA GLU A 75 11.67 0.54 8.41
C GLU A 75 12.34 1.22 9.61
N ILE A 76 12.44 2.55 9.61
CA ILE A 76 12.96 3.30 10.75
C ILE A 76 11.76 3.79 11.55
N LYS A 77 11.68 3.38 12.81
CA LYS A 77 10.47 3.64 13.59
C LYS A 77 10.09 5.11 13.65
N ALA A 78 11.04 6.03 13.85
CA ALA A 78 10.62 7.42 13.93
C ALA A 78 10.06 7.93 12.60
N GLU A 79 10.52 7.35 11.51
CA GLU A 79 10.10 7.80 10.17
CA GLU A 79 10.09 7.83 10.20
C GLU A 79 8.75 7.20 9.80
N ALA A 80 8.49 5.97 10.25
CA ALA A 80 7.14 5.43 10.17
C ALA A 80 6.16 6.30 10.97
N GLU A 81 6.52 6.64 12.22
CA GLU A 81 5.65 7.54 12.98
C GLU A 81 5.45 8.89 12.28
N LYS A 82 6.52 9.47 11.72
CA LYS A 82 6.39 10.75 11.01
C LYS A 82 5.41 10.63 9.86
N THR A 83 5.45 9.51 9.17
CA THR A 83 4.62 9.37 7.99
C THR A 83 3.15 9.29 8.39
N ILE A 84 2.86 8.52 9.41
CA ILE A 84 1.48 8.44 9.91
C ILE A 84 1.05 9.79 10.45
N GLN A 85 1.93 10.44 11.23
CA GLN A 85 1.55 11.69 11.88
C GLN A 85 1.23 12.77 10.86
N THR A 86 1.88 12.73 9.68
CA THR A 86 1.62 13.72 8.65
C THR A 86 0.17 13.72 8.22
N ALA A 87 -0.43 12.52 8.13
CA ALA A 87 -1.87 12.41 7.87
C ALA A 87 -2.69 13.12 8.95
N VAL A 88 -2.39 12.83 10.22
CA VAL A 88 -3.18 13.43 11.31
C VAL A 88 -2.96 14.94 11.37
N ASP A 89 -1.72 15.40 11.15
CA ASP A 89 -1.44 16.83 11.26
C ASP A 89 -2.08 17.61 10.12
N ASN A 90 -2.05 17.08 8.89
CA ASN A 90 -2.60 17.82 7.77
C ASN A 90 -4.08 17.61 7.61
N PHE A 91 -4.57 16.40 7.86
CA PHE A 91 -5.94 16.09 7.52
C PHE A 91 -6.76 15.59 8.70
N GLY A 92 -6.17 15.46 9.89
CA GLY A 92 -6.99 15.22 11.06
C GLY A 92 -7.19 13.78 11.46
N ARG A 93 -6.88 12.82 10.58
CA ARG A 93 -7.19 11.41 10.82
C ARG A 93 -6.39 10.60 9.82
N ILE A 94 -6.36 9.28 10.03
CA ILE A 94 -5.78 8.38 9.00
C ILE A 94 -6.71 7.19 8.87
N ASP A 95 -7.40 7.09 7.72
CA ASP A 95 -8.32 5.97 7.52
C ASP A 95 -7.65 4.76 6.90
N VAL A 96 -6.78 4.96 5.91
CA VAL A 96 -6.27 3.85 5.13
C VAL A 96 -4.77 3.89 5.19
N LEU A 97 -4.14 2.75 5.47
CA LEU A 97 -2.68 2.67 5.41
C LEU A 97 -2.37 1.64 4.36
N VAL A 98 -1.61 2.02 3.32
CA VAL A 98 -1.22 1.07 2.26
C VAL A 98 0.30 0.89 2.37
N ASN A 99 0.72 -0.29 2.84
CA ASN A 99 2.14 -0.61 3.01
C ASN A 99 2.72 -1.12 1.68
N ASN A 100 2.83 -0.18 0.73
CA ASN A 100 3.32 -0.49 -0.61
C ASN A 100 4.85 -0.43 -0.76
N ALA A 101 5.53 0.37 0.07
CA ALA A 101 6.96 0.60 -0.14
C ALA A 101 7.72 -0.73 -0.16
N GLY A 102 8.53 -0.92 -1.21
CA GLY A 102 9.43 -2.07 -1.28
C GLY A 102 8.84 -3.37 -1.81
N ALA A 103 7.54 -3.44 -2.12
CA ALA A 103 6.91 -4.71 -2.51
C ALA A 103 7.51 -5.31 -3.78
N THR A 104 7.92 -4.48 -4.73
CA THR A 104 8.44 -5.03 -5.98
C THR A 104 9.85 -4.55 -6.27
N LYS A 105 10.66 -4.40 -5.20
CA LYS A 105 12.11 -4.26 -5.31
C LYS A 105 12.64 -5.42 -6.15
N PRO A 106 13.81 -5.27 -6.77
CA PRO A 106 14.38 -6.40 -7.52
C PRO A 106 14.51 -7.68 -6.70
N ALA A 107 14.93 -7.61 -5.43
CA ALA A 107 15.03 -8.83 -4.62
C ALA A 107 13.70 -9.55 -4.51
N MET A 108 12.57 -8.83 -4.63
CA MET A 108 11.24 -9.38 -4.47
C MET A 108 10.77 -10.14 -5.72
N LEU A 109 11.53 -10.06 -6.82
CA LEU A 109 11.15 -10.64 -8.10
C LEU A 109 12.05 -11.78 -8.56
N HIS A 110 13.05 -12.19 -7.78
CA HIS A 110 14.10 -13.10 -8.21
C HIS A 110 13.90 -14.51 -7.68
N LYS A 111 14.55 -15.47 -8.36
CA LYS A 111 14.52 -16.87 -7.95
C LYS A 111 15.42 -17.08 -6.72
N MET A 112 14.94 -17.91 -5.78
CA MET A 112 15.67 -18.28 -4.56
C MET A 112 14.93 -19.35 -3.76
N TRP A 117 14.28 -17.24 0.31
CA TRP A 117 13.15 -16.35 0.09
C TRP A 117 12.50 -15.92 1.40
N ASP A 118 12.41 -16.84 2.35
CA ASP A 118 11.80 -16.54 3.64
C ASP A 118 12.59 -15.51 4.44
N ALA A 119 13.88 -15.33 4.16
CA ALA A 119 14.68 -14.27 4.78
C ALA A 119 14.63 -12.95 4.01
N VAL A 120 14.09 -12.94 2.79
CA VAL A 120 13.84 -11.68 2.09
C VAL A 120 12.49 -11.09 2.52
N VAL A 121 11.48 -11.93 2.80
CA VAL A 121 10.19 -11.43 3.23
C VAL A 121 10.19 -10.94 4.68
N ASN A 122 11.16 -11.34 5.52
CA ASN A 122 11.17 -10.85 6.88
C ASN A 122 11.91 -9.52 7.06
N ILE A 123 12.72 -9.09 6.08
CA ILE A 123 13.25 -7.73 6.13
C ILE A 123 12.23 -6.74 5.58
N HIS A 124 11.47 -7.15 4.56
CA HIS A 124 10.40 -6.29 4.06
CA HIS A 124 10.38 -6.33 4.03
C HIS A 124 9.19 -6.25 4.99
N LEU A 125 9.20 -7.01 6.08
CA LEU A 125 8.08 -7.03 7.01
C LEU A 125 8.24 -5.98 8.10
N LYS A 126 9.43 -5.38 8.25
CA LYS A 126 9.60 -4.46 9.37
C LYS A 126 8.91 -3.11 9.13
N GLY A 127 8.93 -2.61 7.89
CA GLY A 127 8.25 -1.36 7.61
C GLY A 127 6.74 -1.47 7.83
N PRO A 128 6.11 -2.49 7.26
CA PRO A 128 4.67 -2.66 7.52
C PRO A 128 4.37 -2.77 8.99
N PHE A 129 5.16 -3.54 9.74
CA PHE A 129 4.94 -3.64 11.19
C PHE A 129 5.00 -2.28 11.85
N LEU A 130 6.05 -1.48 11.60
CA LEU A 130 6.15 -0.18 12.28
C LEU A 130 5.06 0.81 11.84
N CYS A 131 4.65 0.77 10.57
CA CYS A 131 3.59 1.68 10.14
C CYS A 131 2.26 1.33 10.79
N VAL A 132 1.91 0.03 10.83
CA VAL A 132 0.68 -0.36 11.52
C VAL A 132 0.77 0.00 13.00
N GLN A 133 1.93 -0.26 13.60
CA GLN A 133 2.05 0.08 15.02
C GLN A 133 1.80 1.55 15.25
N ALA A 134 2.29 2.41 14.36
CA ALA A 134 2.09 3.84 14.56
C ALA A 134 0.65 4.24 14.26
N ALA A 135 0.03 3.61 13.26
CA ALA A 135 -1.34 3.98 12.90
C ALA A 135 -2.34 3.48 13.93
N ALA A 136 -1.99 2.41 14.64
CA ALA A 136 -2.96 1.75 15.52
C ALA A 136 -3.51 2.70 16.57
N LYS A 137 -2.64 3.58 17.11
CA LYS A 137 -3.09 4.58 18.08
C LYS A 137 -4.27 5.37 17.54
N TYR A 138 -4.18 5.82 16.28
CA TYR A 138 -5.25 6.60 15.67
C TYR A 138 -6.44 5.75 15.27
N PHE A 139 -6.19 4.55 14.73
CA PHE A 139 -7.33 3.69 14.39
C PHE A 139 -8.17 3.46 15.63
N MET A 140 -7.52 3.30 16.78
CA MET A 140 -8.24 3.02 18.01
C MET A 140 -9.03 4.25 18.45
N GLU A 141 -8.42 5.44 18.36
CA GLU A 141 -9.15 6.66 18.68
C GLU A 141 -10.30 6.89 17.72
N GLN A 142 -10.11 6.52 16.45
CA GLN A 142 -11.14 6.73 15.46
C GLN A 142 -12.24 5.70 15.55
N ASN A 143 -11.95 4.56 16.11
CA ASN A 143 -12.77 3.37 16.03
C ASN A 143 -13.02 2.99 14.57
N TYR A 144 -11.99 3.14 13.74
CA TYR A 144 -12.10 2.81 12.31
C TYR A 144 -10.72 2.80 11.70
N GLY A 145 -10.46 1.86 10.79
CA GLY A 145 -9.18 1.86 10.07
C GLY A 145 -9.16 0.80 8.98
N LYS A 146 -8.22 0.96 8.03
CA LYS A 146 -8.08 0.02 6.92
C LYS A 146 -6.60 -0.17 6.69
N ILE A 147 -6.16 -1.42 6.65
CA ILE A 147 -4.76 -1.71 6.39
C ILE A 147 -4.70 -2.58 5.14
N ILE A 148 -3.80 -2.25 4.22
CA ILE A 148 -3.55 -3.10 3.08
C ILE A 148 -2.05 -3.32 3.00
N ASN A 149 -1.61 -4.57 3.15
CA ASN A 149 -0.21 -4.87 2.91
C ASN A 149 -0.05 -5.33 1.47
N VAL A 150 1.16 -5.20 0.94
CA VAL A 150 1.45 -5.53 -0.44
C VAL A 150 2.64 -6.46 -0.46
N THR A 151 2.57 -7.48 -1.31
CA THR A 151 3.76 -8.30 -1.45
C THR A 151 3.82 -8.75 -2.89
N SER A 152 4.82 -9.58 -3.18
CA SER A 152 4.92 -10.25 -4.46
C SER A 152 4.84 -11.76 -4.22
N VAL A 153 4.43 -12.49 -5.27
CA VAL A 153 4.28 -13.95 -5.16
C VAL A 153 5.66 -14.60 -5.01
N ALA A 154 5.66 -15.81 -4.44
CA ALA A 154 6.89 -16.59 -4.26
C ALA A 154 7.25 -17.35 -5.54
N GLY A 170 4.54 -17.29 8.43
CA GLY A 170 5.56 -16.62 9.22
C GLY A 170 5.96 -15.24 8.71
N GLY A 171 5.39 -14.83 7.57
CA GLY A 171 5.69 -13.56 6.94
C GLY A 171 4.52 -12.58 6.82
N ILE A 172 4.30 -12.05 5.60
CA ILE A 172 3.36 -10.94 5.45
C ILE A 172 1.92 -11.41 5.64
N LEU A 173 1.58 -12.62 5.19
CA LEU A 173 0.21 -13.06 5.37
C LEU A 173 -0.10 -13.27 6.85
N SER A 174 0.84 -13.87 7.59
CA SER A 174 0.60 -14.10 8.99
C SER A 174 0.48 -12.77 9.75
N PHE A 175 1.28 -11.77 9.36
CA PHE A 175 1.17 -10.48 9.99
C PHE A 175 -0.16 -9.80 9.65
N THR A 176 -0.61 -9.95 8.39
CA THR A 176 -1.90 -9.42 7.98
C THR A 176 -3.01 -9.94 8.88
N MET A 177 -3.00 -11.24 9.15
CA MET A 177 -4.06 -11.86 9.94
C MET A 177 -3.93 -11.51 11.42
N SER A 178 -2.70 -11.45 11.93
CA SER A 178 -2.50 -11.01 13.31
C SER A 178 -3.13 -9.65 13.55
N ALA A 179 -2.79 -8.68 12.71
CA ALA A 179 -3.39 -7.35 12.88
C ALA A 179 -4.90 -7.40 12.73
N ALA A 180 -5.39 -8.22 11.80
CA ALA A 180 -6.82 -8.36 11.61
C ALA A 180 -7.49 -8.81 12.90
N ARG A 181 -6.88 -9.78 13.58
CA ARG A 181 -7.47 -10.31 14.80
C ARG A 181 -7.36 -9.31 15.93
N GLU A 182 -6.20 -8.66 16.09
CA GLU A 182 -6.06 -7.75 17.23
C GLU A 182 -6.82 -6.43 17.06
N LEU A 183 -7.11 -5.99 15.83
CA LEU A 183 -7.73 -4.68 15.66
C LEU A 183 -9.18 -4.76 15.20
N ALA A 184 -9.72 -5.97 15.03
CA ALA A 184 -11.10 -6.11 14.57
C ALA A 184 -12.08 -5.33 15.45
N ARG A 185 -11.86 -5.34 16.77
CA ARG A 185 -12.88 -4.71 17.61
C ARG A 185 -12.87 -3.19 17.50
N PHE A 186 -11.91 -2.62 16.79
CA PHE A 186 -11.93 -1.20 16.52
C PHE A 186 -12.38 -0.91 15.10
N ASN A 187 -13.07 -1.85 14.49
CA ASN A 187 -13.57 -1.66 13.12
C ASN A 187 -12.44 -1.38 12.16
N VAL A 188 -11.33 -2.10 12.35
CA VAL A 188 -10.19 -2.04 11.43
C VAL A 188 -10.19 -3.32 10.60
N THR A 189 -10.06 -3.21 9.27
CA THR A 189 -9.76 -4.41 8.49
C THR A 189 -8.27 -4.45 8.12
N SER A 190 -7.74 -5.64 7.92
CA SER A 190 -6.32 -5.83 7.60
C SER A 190 -6.24 -6.90 6.53
N ASN A 191 -5.86 -6.53 5.29
CA ASN A 191 -5.83 -7.46 4.16
C ASN A 191 -4.54 -7.28 3.40
N VAL A 192 -4.27 -8.21 2.48
CA VAL A 192 -3.01 -8.14 1.74
C VAL A 192 -3.28 -8.41 0.25
N ILE A 193 -2.55 -7.70 -0.59
CA ILE A 193 -2.60 -7.89 -2.04
C ILE A 193 -1.24 -8.37 -2.50
N SER A 194 -1.21 -9.48 -3.24
CA SER A 194 0.04 -10.02 -3.76
C SER A 194 0.08 -9.71 -5.25
N LEU A 195 1.15 -9.05 -5.69
CA LEU A 195 1.27 -8.63 -7.09
C LEU A 195 2.06 -9.71 -7.82
N GLY A 196 1.56 -10.13 -8.97
CA GLY A 196 2.15 -11.25 -9.67
C GLY A 196 2.04 -11.11 -11.17
N ILE A 197 2.01 -9.86 -11.63
CA ILE A 197 2.00 -9.55 -13.06
C ILE A 197 3.09 -8.52 -13.29
N VAL A 198 3.43 -8.31 -14.55
CA VAL A 198 4.41 -7.30 -14.90
C VAL A 198 3.67 -6.03 -15.30
N THR A 199 3.87 -4.96 -14.52
CA THR A 199 3.25 -3.69 -14.82
C THR A 199 4.16 -2.86 -15.72
N THR A 200 3.55 -2.00 -16.55
CA THR A 200 4.31 -1.33 -17.61
C THR A 200 5.45 -0.47 -17.06
N ASP A 201 5.30 0.07 -15.85
CA ASP A 201 6.38 0.84 -15.22
C ASP A 201 7.63 0.01 -14.96
N MET A 202 7.57 -1.30 -15.19
CA MET A 202 8.51 -2.24 -14.61
C MET A 202 9.07 -3.13 -15.72
N LEU A 212 15.33 -13.84 -11.20
CA LEU A 212 14.44 -13.71 -12.35
C LEU A 212 13.32 -14.77 -12.34
N LYS A 213 12.22 -14.48 -11.64
CA LYS A 213 11.21 -15.51 -11.40
C LYS A 213 10.44 -15.81 -12.69
N GLU A 214 10.04 -17.08 -12.83
CA GLU A 214 9.42 -17.53 -14.07
C GLU A 214 8.06 -16.87 -14.30
N ILE A 215 7.35 -16.48 -13.24
CA ILE A 215 6.04 -15.84 -13.40
C ILE A 215 6.14 -14.55 -14.22
N TYR A 216 7.27 -13.85 -14.12
CA TYR A 216 7.51 -12.60 -14.86
C TYR A 216 8.22 -12.83 -16.21
N MET A 217 9.17 -13.78 -16.27
CA MET A 217 9.76 -14.19 -17.54
C MET A 217 8.70 -14.57 -18.57
N ARG A 218 7.75 -15.43 -18.18
CA ARG A 218 6.64 -15.81 -19.06
C ARG A 218 5.98 -14.59 -19.69
N ARG A 219 5.58 -13.62 -18.86
CA ARG A 219 4.83 -12.47 -19.36
C ARG A 219 5.70 -11.55 -20.21
N ILE A 220 6.99 -11.41 -19.87
CA ILE A 220 7.92 -10.56 -20.62
C ILE A 220 8.17 -11.13 -22.03
N LEU A 221 8.38 -12.44 -22.13
CA LEU A 221 8.56 -13.08 -23.43
C LEU A 221 7.27 -13.07 -24.25
N LEU A 222 6.12 -13.12 -23.59
CA LEU A 222 4.80 -13.07 -24.23
C LEU A 222 4.29 -11.64 -24.39
N ASN A 223 5.03 -10.63 -23.89
CA ASN A 223 4.67 -9.22 -24.03
C ASN A 223 3.28 -8.92 -23.49
N ARG A 224 2.95 -9.50 -22.34
CA ARG A 224 1.68 -9.29 -21.66
C ARG A 224 2.00 -8.46 -20.42
N TYR A 225 1.76 -7.15 -20.50
CA TYR A 225 1.98 -6.22 -19.41
C TYR A 225 0.64 -5.65 -18.96
N ALA A 226 0.57 -5.27 -17.69
CA ALA A 226 -0.59 -4.62 -17.10
C ALA A 226 -0.26 -3.16 -16.78
N GLU A 227 -1.24 -2.28 -16.95
CA GLU A 227 -0.92 -0.94 -16.47
C GLU A 227 -1.12 -0.87 -14.97
N PRO A 228 -0.33 -0.03 -14.28
CA PRO A 228 -0.52 0.14 -12.82
C PRO A 228 -1.94 0.52 -12.47
N SER A 229 -2.58 1.34 -13.31
CA SER A 229 -3.96 1.74 -13.09
C SER A 229 -4.91 0.55 -13.02
N GLU A 230 -4.54 -0.60 -13.61
CA GLU A 230 -5.44 -1.75 -13.58
C GLU A 230 -5.36 -2.50 -12.26
N VAL A 231 -4.31 -2.24 -11.48
CA VAL A 231 -4.10 -2.85 -10.17
C VAL A 231 -4.73 -2.00 -9.06
N ALA A 232 -4.89 -0.70 -9.29
CA ALA A 232 -5.43 0.17 -8.25
C ALA A 232 -6.82 -0.21 -7.75
N PRO A 233 -7.75 -0.71 -8.57
CA PRO A 233 -9.10 -0.96 -8.01
C PRO A 233 -9.10 -1.94 -6.86
N ALA A 234 -8.21 -2.94 -6.88
CA ALA A 234 -8.17 -3.86 -5.75
C ALA A 234 -7.80 -3.13 -4.46
N PHE A 235 -6.96 -2.09 -4.58
CA PHE A 235 -6.62 -1.30 -3.39
C PHE A 235 -7.78 -0.41 -2.97
N VAL A 236 -8.58 0.06 -3.94
CA VAL A 236 -9.77 0.80 -3.52
C VAL A 236 -10.72 -0.13 -2.77
N PHE A 237 -10.92 -1.34 -3.29
CA PHE A 237 -11.75 -2.34 -2.63
C PHE A 237 -11.35 -2.59 -1.18
N PHE A 238 -10.08 -2.98 -0.97
CA PHE A 238 -9.64 -3.24 0.41
C PHE A 238 -9.42 -1.98 1.24
N GLY A 239 -9.60 -0.81 0.64
CA GLY A 239 -9.45 0.41 1.42
C GLY A 239 -10.77 1.15 1.70
N CYS A 240 -11.91 0.66 1.21
CA CYS A 240 -13.16 1.37 1.48
C CYS A 240 -14.17 0.39 2.06
N ASP A 241 -15.41 0.84 2.33
CA ASP A 241 -16.33 0.00 3.07
C ASP A 241 -16.89 -1.14 2.22
N ASP A 242 -16.43 -1.26 0.99
CA ASP A 242 -16.77 -2.46 0.23
C ASP A 242 -16.27 -3.69 0.96
N SER A 243 -15.17 -3.53 1.72
CA SER A 243 -14.59 -4.66 2.43
C SER A 243 -14.80 -4.55 3.93
N LYS A 244 -15.89 -3.90 4.38
CA LYS A 244 -16.19 -3.77 5.82
C LYS A 244 -16.17 -5.11 6.53
N TYR A 245 -16.71 -6.14 5.89
CA TYR A 245 -16.82 -7.47 6.48
C TYR A 245 -15.81 -8.45 5.94
N ILE A 246 -14.74 -7.96 5.31
CA ILE A 246 -13.70 -8.79 4.70
C ILE A 246 -12.35 -8.42 5.33
N THR A 247 -11.79 -9.33 6.12
CA THR A 247 -10.57 -8.99 6.81
C THR A 247 -9.75 -10.26 6.93
N GLY A 248 -8.43 -10.07 7.10
CA GLY A 248 -7.48 -11.18 7.20
C GLY A 248 -7.32 -11.98 5.93
N GLN A 249 -7.48 -11.37 4.77
CA GLN A 249 -7.55 -12.13 3.54
C GLN A 249 -6.59 -11.56 2.51
N LEU A 250 -6.36 -12.37 1.47
CA LEU A 250 -5.37 -12.14 0.44
C LEU A 250 -6.09 -12.12 -0.91
N LEU A 251 -5.74 -11.17 -1.78
CA LEU A 251 -6.08 -11.23 -3.21
C LEU A 251 -4.80 -11.29 -4.02
N LYS A 252 -4.74 -12.24 -4.96
CA LYS A 252 -3.54 -12.47 -5.77
C LYS A 252 -3.80 -11.85 -7.12
N VAL A 253 -3.07 -10.79 -7.43
CA VAL A 253 -3.25 -10.12 -8.71
C VAL A 253 -2.20 -10.73 -9.63
N ASP A 254 -2.47 -11.94 -10.15
CA ASP A 254 -1.43 -12.69 -10.86
C ASP A 254 -1.93 -13.27 -12.18
N GLY A 255 -3.05 -12.78 -12.69
CA GLY A 255 -3.53 -13.19 -13.99
C GLY A 255 -3.75 -14.68 -14.16
N GLY A 256 -4.06 -15.38 -13.07
CA GLY A 256 -4.31 -16.80 -13.16
C GLY A 256 -3.07 -17.66 -13.27
N TYR A 257 -1.87 -17.09 -13.06
CA TYR A 257 -0.64 -17.82 -13.32
C TYR A 257 -0.53 -19.07 -12.44
N GLY A 258 -0.93 -18.98 -11.16
CA GLY A 258 -0.90 -20.14 -10.29
C GLY A 258 -1.76 -21.31 -10.74
N LEU A 259 -2.65 -21.09 -11.72
CA LEU A 259 -3.47 -22.19 -12.24
C LEU A 259 -2.70 -22.99 -13.29
N THR A 260 -1.38 -23.10 -13.15
CA THR A 260 -0.59 -23.94 -14.06
C THR A 260 0.80 -24.31 -13.51
C1 GOL B . 11.63 6.23 -2.66
O1 GOL B . 11.87 7.21 -3.50
C2 GOL B . 10.27 5.84 -2.82
O2 GOL B . 10.09 5.53 -4.27
C3 GOL B . 10.18 4.43 -2.07
O3 GOL B . 9.37 4.53 -0.93
#